data_5TPA
#
_entry.id   5TPA
#
_cell.length_a   55.757
_cell.length_b   90.239
_cell.length_c   122.658
_cell.angle_alpha   90.00
_cell.angle_beta   90.00
_cell.angle_gamma   90.00
#
_symmetry.space_group_name_H-M   'P 21 21 21'
#
loop_
_entity.id
_entity.type
_entity.pdbx_description
1 polymer 'Glutamate receptor ionotropic, NMDA 2A'
2 polymer 'Glutamate receptor ionotropic, NMDA 1'
3 non-polymer 'GLUTAMIC ACID'
4 non-polymer (1R,2R)-2-(2-{[5-chloro-3-(trifluoromethyl)-1H-pyrazol-1-yl]methyl}-7-methyl-4-oxo-4H-pyrido[1,2-a]pyrimidin-6-yl)cyclopropane-1-carbonitrile
5 non-polymer GLYCINE
6 water water
#
loop_
_entity_poly.entity_id
_entity_poly.type
_entity_poly.pdbx_seq_one_letter_code
_entity_poly.pdbx_strand_id
1 'polypeptide(L)'
;GSPDDNHLSIVTLEEAPFVIVEDIDPLTETCVRNTVPCRKFVKINNSTNEGMNVKKCCKGFCIDILKKLSRTVKFTYDLY
LVTNGKHGKKVNNVWNGMIGEVVYQRAVMAVGSLTINEERSEVVDFSVPFVETGISVMVSRGTQVTGLSDKKFQRPHDYS
PPFRFGTVPNGSTERNIRNNYPYMHQYMTKFNQKGVEDALVSLKTGKLDAFIYDAAVLNYKAGRDEGCKLVTIGSGYIFA
TTGYGIALQKGSPWKRQIDLALLQFVGDGEMEELETLWLTGICHN
;
A
2 'polypeptide(L)'
;GSMSTRLKIVTIHQEPFVYVKPTLSDGTCKEEFTVNGDPVKKVICTGPNDTSPGSPRHTVPQCCYGFCIDLLIKLARTMN
FTYEVHLVADGKFGTQERVNNSNKKEWNGMMGELLSGQADMIVAPLTINNERAQYIEFSKPFKYQGLTILVKKGTRITGI
NDPRLRNPSDKFIYATVKQSSVDIYFRRQVELSTMYRHMEKHNYESAAEAIQAVRDNKLHAFIWDSAVLEFEASQKCDLV
TTGELFFRSGFGIGMRKDSPWKQNVSLSILKSHENGFMEDLDKTWVRYQECDS
;
B
#
# COMPACT_ATOMS: atom_id res chain seq x y z
N ASN A 6 12.34 -26.89 -1.16
CA ASN A 6 11.57 -26.66 -2.40
C ASN A 6 10.08 -27.05 -2.35
N HIS A 7 9.73 -28.11 -1.60
CA HIS A 7 8.36 -28.57 -1.46
C HIS A 7 7.87 -28.03 -0.12
N LEU A 8 7.09 -26.93 -0.18
CA LEU A 8 6.66 -26.15 0.98
C LEU A 8 5.27 -26.45 1.50
N SER A 9 5.14 -26.47 2.83
CA SER A 9 3.86 -26.60 3.51
C SER A 9 3.26 -25.18 3.54
N ILE A 10 2.03 -25.05 3.02
CA ILE A 10 1.34 -23.75 2.93
C ILE A 10 -0.04 -23.82 3.59
N VAL A 11 -0.32 -22.85 4.47
CA VAL A 11 -1.60 -22.74 5.16
C VAL A 11 -2.47 -21.68 4.50
N THR A 12 -3.77 -21.97 4.43
CA THR A 12 -4.75 -21.02 3.91
C THR A 12 -6.06 -21.08 4.77
N LEU A 13 -6.99 -20.19 4.46
CA LEU A 13 -8.23 -20.12 5.22
C LEU A 13 -9.22 -19.60 4.24
N GLU A 14 -10.44 -20.19 4.24
CA GLU A 14 -11.50 -19.78 3.34
C GLU A 14 -12.05 -18.41 3.68
N GLU A 15 -12.11 -17.56 2.69
CA GLU A 15 -12.73 -16.24 2.72
C GLU A 15 -12.90 -15.79 1.27
N ALA A 16 -14.15 -15.86 0.73
CA ALA A 16 -14.43 -15.44 -0.65
C ALA A 16 -14.26 -13.91 -0.84
N PRO A 17 -13.71 -13.42 -1.99
CA PRO A 17 -13.28 -14.15 -3.21
C PRO A 17 -11.81 -14.58 -3.19
N PHE A 18 -11.12 -14.36 -2.05
CA PHE A 18 -9.68 -14.64 -1.89
C PHE A 18 -9.38 -16.13 -1.85
N VAL A 19 -10.10 -16.87 -1.01
CA VAL A 19 -9.94 -18.32 -0.88
C VAL A 19 -11.34 -18.91 -0.88
N ILE A 20 -11.61 -19.80 -1.82
CA ILE A 20 -12.89 -20.48 -2.00
C ILE A 20 -12.58 -21.98 -2.00
N VAL A 21 -13.28 -22.73 -1.14
CA VAL A 21 -13.14 -24.16 -0.92
C VAL A 21 -14.33 -24.92 -1.53
N GLU A 22 -14.03 -25.98 -2.29
CA GLU A 22 -15.04 -26.84 -2.95
C GLU A 22 -14.70 -28.29 -2.70
N ASP A 23 -15.69 -29.17 -2.92
CA ASP A 23 -15.52 -30.61 -2.77
C ASP A 23 -14.92 -31.18 -4.05
N ILE A 24 -14.06 -32.22 -3.96
CA ILE A 24 -13.45 -32.87 -5.14
C ILE A 24 -14.53 -33.44 -6.11
N ASP A 25 -14.21 -33.47 -7.43
CA ASP A 25 -15.11 -33.96 -8.49
C ASP A 25 -15.48 -35.44 -8.36
N GLU A 29 -11.98 -38.23 -9.79
CA GLU A 29 -12.18 -37.94 -8.36
C GLU A 29 -11.00 -37.10 -7.78
N THR A 30 -10.60 -36.06 -8.55
CA THR A 30 -9.51 -35.13 -8.30
C THR A 30 -9.98 -33.67 -8.42
N CYS A 31 -9.03 -32.72 -8.43
CA CYS A 31 -9.39 -31.30 -8.54
C CYS A 31 -9.43 -30.84 -9.99
N VAL A 32 -10.55 -30.19 -10.35
CA VAL A 32 -10.86 -29.68 -11.70
C VAL A 32 -10.29 -28.26 -11.97
N ARG A 33 -10.68 -27.68 -13.14
CA ARG A 33 -10.43 -26.35 -13.73
C ARG A 33 -9.26 -25.53 -13.12
N ASN A 34 -9.56 -24.35 -12.51
CA ASN A 34 -8.61 -23.43 -11.86
C ASN A 34 -8.46 -23.75 -10.36
N THR A 35 -8.73 -25.00 -9.97
CA THR A 35 -8.64 -25.37 -8.57
C THR A 35 -7.37 -26.12 -8.24
N VAL A 36 -6.78 -25.82 -7.08
CA VAL A 36 -5.61 -26.54 -6.61
C VAL A 36 -6.08 -27.44 -5.47
N PRO A 37 -5.45 -28.61 -5.23
CA PRO A 37 -5.86 -29.42 -4.09
C PRO A 37 -5.48 -28.78 -2.74
N CYS A 38 -6.41 -28.82 -1.77
CA CYS A 38 -6.22 -28.38 -0.40
C CYS A 38 -6.84 -29.38 0.58
N ARG A 39 -6.09 -29.69 1.62
CA ARG A 39 -6.52 -30.64 2.62
C ARG A 39 -7.00 -29.93 3.87
N LYS A 40 -7.99 -30.54 4.54
CA LYS A 40 -8.51 -30.05 5.80
C LYS A 40 -8.58 -31.24 6.74
N PHE A 41 -7.93 -31.14 7.92
CA PHE A 41 -7.99 -32.14 8.96
C PHE A 41 -9.38 -32.03 9.66
N VAL A 42 -10.15 -33.13 9.64
CA VAL A 42 -11.50 -33.23 10.20
C VAL A 42 -11.48 -34.33 11.24
N LYS A 43 -11.80 -33.94 12.46
CA LYS A 43 -11.85 -34.83 13.62
C LYS A 43 -12.97 -35.88 13.50
N ILE A 44 -12.69 -37.11 13.97
CA ILE A 44 -13.63 -38.23 13.97
C ILE A 44 -14.81 -37.90 14.91
N ASN A 45 -14.51 -37.46 16.13
CA ASN A 45 -15.46 -37.01 17.12
C ASN A 45 -14.83 -35.97 18.03
N ASN A 46 -15.61 -35.42 18.96
CA ASN A 46 -15.24 -34.35 19.91
C ASN A 46 -14.67 -34.85 21.23
N SER A 47 -14.45 -36.16 21.33
CA SER A 47 -13.94 -36.81 22.51
C SER A 47 -12.71 -37.64 22.14
N THR A 48 -11.97 -37.14 21.12
CA THR A 48 -10.74 -37.71 20.58
C THR A 48 -9.92 -36.62 19.90
N ASN A 49 -8.66 -36.93 19.56
CA ASN A 49 -7.76 -36.05 18.82
C ASN A 49 -7.58 -36.62 17.42
N GLU A 50 -8.09 -37.85 17.21
CA GLU A 50 -8.03 -38.59 15.96
C GLU A 50 -8.87 -37.85 14.89
N GLY A 51 -8.33 -37.76 13.70
CA GLY A 51 -9.01 -37.14 12.58
C GLY A 51 -8.45 -37.58 11.26
N MET A 52 -8.99 -37.03 10.18
CA MET A 52 -8.52 -37.34 8.85
C MET A 52 -8.43 -36.13 7.98
N ASN A 53 -7.45 -36.10 7.08
CA ASN A 53 -7.31 -35.01 6.14
C ASN A 53 -8.24 -35.31 5.00
N VAL A 54 -9.24 -34.45 4.81
CA VAL A 54 -10.23 -34.54 3.74
C VAL A 54 -9.61 -33.78 2.57
N LYS A 55 -9.75 -34.32 1.38
CA LYS A 55 -9.23 -33.72 0.18
C LYS A 55 -10.31 -32.82 -0.37
N LYS A 56 -9.97 -31.53 -0.54
CA LYS A 56 -10.84 -30.46 -1.05
C LYS A 56 -10.13 -29.70 -2.19
N CYS A 57 -10.81 -28.74 -2.80
CA CYS A 57 -10.27 -27.95 -3.90
C CYS A 57 -10.34 -26.47 -3.57
N CYS A 58 -9.24 -25.75 -3.81
CA CYS A 58 -9.12 -24.34 -3.54
C CYS A 58 -8.93 -23.50 -4.82
N LYS A 59 -9.64 -22.38 -4.90
CA LYS A 59 -9.58 -21.38 -5.97
C LYS A 59 -9.79 -19.99 -5.33
N GLY A 60 -9.62 -18.93 -6.10
CA GLY A 60 -9.79 -17.56 -5.63
C GLY A 60 -8.59 -16.71 -5.98
N PHE A 61 -8.70 -15.39 -5.69
CA PHE A 61 -7.65 -14.40 -5.91
C PHE A 61 -6.28 -14.83 -5.34
N CYS A 62 -6.24 -15.12 -4.03
CA CYS A 62 -4.99 -15.50 -3.38
C CYS A 62 -4.42 -16.84 -3.89
N ILE A 63 -5.29 -17.76 -4.30
CA ILE A 63 -4.90 -19.05 -4.89
C ILE A 63 -4.22 -18.78 -6.28
N ASP A 64 -4.76 -17.83 -7.10
CA ASP A 64 -4.10 -17.49 -8.37
C ASP A 64 -2.71 -16.88 -8.14
N ILE A 65 -2.58 -16.03 -7.08
CA ILE A 65 -1.31 -15.43 -6.65
C ILE A 65 -0.31 -16.55 -6.30
N LEU A 66 -0.75 -17.60 -5.56
CA LEU A 66 0.06 -18.76 -5.16
C LEU A 66 0.56 -19.54 -6.35
N LYS A 67 -0.33 -19.79 -7.33
CA LYS A 67 -0.05 -20.46 -8.60
C LYS A 67 1.05 -19.72 -9.36
N LYS A 68 1.00 -18.39 -9.39
CA LYS A 68 2.00 -17.53 -10.05
C LYS A 68 3.34 -17.56 -9.29
N LEU A 69 3.31 -17.43 -7.96
CA LEU A 69 4.52 -17.50 -7.14
C LEU A 69 5.17 -18.86 -7.20
N SER A 70 4.37 -19.94 -7.28
CA SER A 70 4.84 -21.32 -7.42
C SER A 70 5.73 -21.45 -8.68
N ARG A 71 5.22 -20.96 -9.80
CA ARG A 71 5.83 -20.99 -11.14
C ARG A 71 7.08 -20.08 -11.20
N THR A 72 6.90 -18.78 -10.87
CA THR A 72 7.96 -17.79 -10.88
C THR A 72 9.06 -18.14 -9.86
N VAL A 73 8.74 -18.22 -8.56
CA VAL A 73 9.70 -18.49 -7.48
C VAL A 73 10.25 -19.95 -7.52
N LYS A 74 9.60 -20.83 -8.30
CA LYS A 74 9.96 -22.23 -8.58
C LYS A 74 9.93 -23.08 -7.32
N PHE A 75 8.72 -23.26 -6.75
CA PHE A 75 8.54 -24.17 -5.61
C PHE A 75 7.25 -24.98 -5.81
N THR A 76 7.15 -26.11 -5.13
CA THR A 76 5.95 -26.95 -5.13
C THR A 76 5.39 -26.84 -3.72
N TYR A 77 4.10 -27.16 -3.54
CA TYR A 77 3.53 -27.03 -2.21
C TYR A 77 2.50 -28.08 -1.86
N ASP A 78 2.21 -28.18 -0.54
CA ASP A 78 1.16 -28.99 0.06
C ASP A 78 0.29 -28.00 0.82
N LEU A 79 -0.83 -27.64 0.22
CA LEU A 79 -1.73 -26.66 0.80
C LEU A 79 -2.75 -27.27 1.76
N TYR A 80 -2.85 -26.67 2.94
CA TYR A 80 -3.82 -27.10 3.92
C TYR A 80 -4.60 -25.92 4.48
N LEU A 81 -5.79 -26.19 4.98
CA LEU A 81 -6.63 -25.18 5.61
C LEU A 81 -6.44 -25.27 7.12
N VAL A 82 -6.25 -24.12 7.79
CA VAL A 82 -6.05 -24.03 9.25
C VAL A 82 -7.33 -24.49 9.95
N THR A 83 -7.19 -25.20 11.06
CA THR A 83 -8.36 -25.67 11.82
C THR A 83 -8.31 -25.13 13.26
N ASN A 84 -7.16 -24.60 13.68
CA ASN A 84 -7.05 -24.01 15.02
C ASN A 84 -7.10 -22.48 14.87
N GLY A 85 -8.29 -21.93 14.96
CA GLY A 85 -8.47 -20.51 14.81
C GLY A 85 -8.64 -20.13 13.37
N LYS A 86 -8.55 -18.82 13.10
CA LYS A 86 -8.75 -18.32 11.75
C LYS A 86 -7.49 -17.63 11.23
N HIS A 87 -7.52 -16.29 11.12
CA HIS A 87 -6.43 -15.48 10.59
C HIS A 87 -5.22 -15.42 11.54
N GLY A 88 -5.45 -15.06 12.79
CA GLY A 88 -4.41 -14.99 13.81
C GLY A 88 -4.79 -14.12 14.98
N LYS A 89 -4.78 -14.74 16.16
CA LYS A 89 -5.05 -14.10 17.44
C LYS A 89 -4.01 -14.59 18.43
N LYS A 90 -3.39 -13.64 19.16
CA LYS A 90 -2.40 -13.92 20.20
C LYS A 90 -3.16 -14.02 21.52
N VAL A 91 -3.28 -15.23 22.05
CA VAL A 91 -3.96 -15.46 23.32
C VAL A 91 -2.89 -15.87 24.38
N ASN A 92 -2.75 -15.05 25.45
CA ASN A 92 -1.75 -15.27 26.51
C ASN A 92 -0.35 -15.45 25.91
N ASN A 93 -0.04 -14.62 24.90
CA ASN A 93 1.21 -14.59 24.12
C ASN A 93 1.42 -15.87 23.24
N VAL A 94 0.33 -16.65 22.97
CA VAL A 94 0.33 -17.86 22.08
C VAL A 94 -0.60 -17.63 20.88
N TRP A 95 -0.01 -17.57 19.69
CA TRP A 95 -0.72 -17.34 18.44
C TRP A 95 -1.44 -18.57 17.92
N ASN A 96 -2.67 -18.36 17.44
CA ASN A 96 -3.45 -19.38 16.76
C ASN A 96 -3.57 -18.92 15.28
N GLY A 97 -4.44 -19.58 14.54
CA GLY A 97 -4.75 -19.24 13.17
C GLY A 97 -3.63 -19.47 12.19
N MET A 98 -3.70 -18.74 11.07
CA MET A 98 -2.68 -18.81 10.01
C MET A 98 -1.31 -18.34 10.55
N ILE A 99 -1.30 -17.26 11.36
CA ILE A 99 -0.10 -16.72 12.01
C ILE A 99 0.58 -17.81 12.88
N GLY A 100 -0.18 -18.40 13.80
CA GLY A 100 0.29 -19.50 14.66
C GLY A 100 0.95 -20.63 13.89
N GLU A 101 0.34 -21.04 12.75
CA GLU A 101 0.89 -22.10 11.90
C GLU A 101 2.32 -21.81 11.45
N VAL A 102 2.60 -20.56 11.05
CA VAL A 102 3.92 -20.06 10.61
C VAL A 102 4.86 -19.89 11.85
N VAL A 103 4.37 -19.22 12.91
CA VAL A 103 5.11 -19.03 14.15
C VAL A 103 5.69 -20.38 14.69
N TYR A 104 4.85 -21.42 14.77
CA TYR A 104 5.21 -22.73 15.31
C TYR A 104 5.66 -23.73 14.21
N GLN A 105 6.06 -23.20 13.05
CA GLN A 105 6.68 -23.90 11.93
C GLN A 105 5.93 -25.13 11.38
N ARG A 106 4.60 -25.09 11.37
CA ARG A 106 3.83 -26.15 10.73
C ARG A 106 3.62 -25.78 9.24
N ALA A 107 3.81 -24.51 8.93
CA ALA A 107 3.67 -23.95 7.60
C ALA A 107 4.86 -23.07 7.29
N VAL A 108 5.39 -23.17 6.08
CA VAL A 108 6.50 -22.33 5.60
C VAL A 108 5.92 -20.92 5.32
N MET A 109 4.70 -20.87 4.80
CA MET A 109 4.03 -19.62 4.52
C MET A 109 2.51 -19.73 4.64
N ALA A 110 1.85 -18.57 4.87
CA ALA A 110 0.41 -18.40 4.97
C ALA A 110 -0.04 -17.52 3.83
N VAL A 111 -0.98 -18.02 3.02
CA VAL A 111 -1.54 -17.27 1.90
CA VAL A 111 -1.53 -17.30 1.86
C VAL A 111 -3.05 -17.15 2.12
N GLY A 112 -3.57 -15.95 1.94
CA GLY A 112 -4.99 -15.71 2.16
C GLY A 112 -5.33 -14.26 2.37
N SER A 113 -6.48 -14.01 2.99
CA SER A 113 -6.97 -12.67 3.27
C SER A 113 -6.33 -12.22 4.64
N LEU A 114 -4.99 -12.29 4.70
CA LEU A 114 -4.20 -12.04 5.88
C LEU A 114 -3.68 -10.64 5.97
N THR A 115 -4.21 -9.89 6.92
CA THR A 115 -3.88 -8.49 7.15
C THR A 115 -2.54 -8.28 7.86
N ILE A 116 -1.70 -7.43 7.24
CA ILE A 116 -0.41 -7.04 7.80
C ILE A 116 -0.69 -6.09 8.97
N ASN A 117 -0.18 -6.40 10.14
CA ASN A 117 -0.31 -5.46 11.25
C ASN A 117 1.00 -5.47 12.04
N GLU A 118 1.23 -4.48 12.93
CA GLU A 118 2.46 -4.39 13.71
C GLU A 118 2.69 -5.59 14.64
N GLU A 119 1.70 -5.99 15.45
CA GLU A 119 1.91 -7.11 16.37
C GLU A 119 2.16 -8.44 15.68
N ARG A 120 1.59 -8.67 14.47
CA ARG A 120 1.83 -9.90 13.73
C ARG A 120 3.23 -9.88 13.12
N SER A 121 3.72 -8.67 12.76
CA SER A 121 5.04 -8.44 12.16
C SER A 121 6.20 -8.75 13.10
N GLU A 122 5.92 -8.71 14.41
CA GLU A 122 6.89 -9.02 15.46
C GLU A 122 7.22 -10.52 15.51
N VAL A 123 6.32 -11.38 15.02
CA VAL A 123 6.47 -12.84 15.11
C VAL A 123 6.65 -13.52 13.75
N VAL A 124 6.24 -12.86 12.65
CA VAL A 124 6.36 -13.40 11.28
C VAL A 124 6.88 -12.30 10.37
N ASP A 125 7.40 -12.67 9.22
CA ASP A 125 7.82 -11.69 8.21
C ASP A 125 6.72 -11.64 7.16
N PHE A 126 6.31 -10.46 6.72
CA PHE A 126 5.30 -10.37 5.66
C PHE A 126 5.93 -9.99 4.35
N SER A 127 5.32 -10.39 3.25
CA SER A 127 5.73 -9.99 1.89
C SER A 127 5.25 -8.56 1.69
N VAL A 128 5.50 -7.99 0.49
CA VAL A 128 4.97 -6.65 0.20
C VAL A 128 3.43 -6.77 0.19
N PRO A 129 2.64 -5.73 0.55
CA PRO A 129 1.17 -5.89 0.51
C PRO A 129 0.71 -6.11 -0.92
N PHE A 130 -0.26 -7.00 -1.17
CA PHE A 130 -0.64 -7.23 -2.58
C PHE A 130 -2.11 -6.95 -2.84
N VAL A 131 -2.84 -6.62 -1.78
CA VAL A 131 -4.25 -6.22 -1.80
C VAL A 131 -4.35 -5.13 -0.76
N GLU A 132 -4.90 -3.97 -1.14
CA GLU A 132 -5.17 -2.88 -0.23
C GLU A 132 -6.40 -3.23 0.61
N THR A 133 -6.27 -3.07 1.92
CA THR A 133 -7.34 -3.28 2.89
C THR A 133 -7.21 -2.31 4.07
N GLY A 134 -7.94 -2.62 5.12
CA GLY A 134 -8.04 -1.87 6.37
C GLY A 134 -9.44 -2.08 6.91
N ILE A 135 -10.00 -1.02 7.52
CA ILE A 135 -11.31 -1.08 8.13
C ILE A 135 -12.28 -0.26 7.35
N SER A 136 -13.39 -0.86 6.94
CA SER A 136 -14.51 -0.18 6.28
C SER A 136 -15.76 -0.45 7.11
N VAL A 137 -16.78 0.38 6.93
CA VAL A 137 -18.03 0.29 7.65
C VAL A 137 -19.15 0.10 6.64
N MET A 138 -19.86 -1.02 6.74
CA MET A 138 -20.99 -1.34 5.89
C MET A 138 -22.29 -0.99 6.58
N VAL A 139 -23.20 -0.36 5.85
CA VAL A 139 -24.52 0.09 6.32
C VAL A 139 -25.52 -0.06 5.19
N SER A 140 -26.81 0.00 5.51
CA SER A 140 -27.85 0.05 4.48
C SER A 140 -27.71 1.47 3.92
N ARG A 141 -27.75 1.61 2.57
CA ARG A 141 -27.66 2.90 1.86
C ARG A 141 -28.61 3.91 2.50
N GLY A 142 -28.08 5.08 2.85
CA GLY A 142 -28.83 6.14 3.49
C GLY A 142 -28.54 6.33 4.96
N THR A 143 -27.69 5.47 5.55
CA THR A 143 -27.32 5.58 6.95
C THR A 143 -26.36 6.73 7.07
N GLN A 144 -26.69 7.68 7.95
CA GLN A 144 -25.90 8.88 8.18
C GLN A 144 -24.82 8.66 9.25
N VAL A 145 -23.65 8.19 8.81
CA VAL A 145 -22.45 8.05 9.61
C VAL A 145 -21.32 8.61 8.79
N THR A 146 -20.41 9.38 9.43
CA THR A 146 -19.26 10.03 8.79
C THR A 146 -18.08 9.09 8.66
N GLY A 147 -18.10 8.01 9.43
CA GLY A 147 -17.04 7.02 9.51
C GLY A 147 -16.75 6.62 10.93
N LEU A 148 -15.69 5.81 11.18
CA LEU A 148 -15.29 5.34 12.52
C LEU A 148 -15.25 6.40 13.60
N SER A 149 -14.93 7.64 13.23
CA SER A 149 -14.84 8.78 14.14
C SER A 149 -16.20 9.37 14.53
N ASP A 150 -17.29 8.95 13.84
CA ASP A 150 -18.65 9.44 14.11
C ASP A 150 -19.04 9.23 15.58
N LYS A 151 -19.66 10.25 16.20
CA LYS A 151 -20.09 10.20 17.60
C LYS A 151 -21.10 9.08 17.87
N LYS A 152 -21.67 8.48 16.79
CA LYS A 152 -22.60 7.35 16.89
C LYS A 152 -21.81 6.09 17.29
N PHE A 153 -20.51 6.00 16.90
CA PHE A 153 -19.58 4.93 17.23
C PHE A 153 -18.77 5.24 18.50
N GLN A 154 -18.25 6.46 18.61
CA GLN A 154 -17.38 6.95 19.69
C GLN A 154 -18.06 6.97 21.06
N ARG A 155 -19.28 7.54 21.15
CA ARG A 155 -20.06 7.63 22.38
C ARG A 155 -21.47 7.11 22.05
N PRO A 156 -21.66 5.77 21.83
CA PRO A 156 -22.97 5.28 21.36
C PRO A 156 -24.17 5.53 22.26
N HIS A 157 -23.96 5.71 23.58
CA HIS A 157 -25.10 5.93 24.48
C HIS A 157 -25.58 7.39 24.50
N ASP A 158 -24.97 8.28 23.70
CA ASP A 158 -25.47 9.65 23.58
C ASP A 158 -26.74 9.63 22.67
N TYR A 159 -27.13 8.43 22.13
CA TYR A 159 -28.23 8.23 21.20
C TYR A 159 -29.32 7.33 21.74
N SER A 160 -30.59 7.74 21.47
CA SER A 160 -31.82 7.06 21.90
C SER A 160 -32.71 6.75 20.67
N PRO A 161 -32.74 5.48 20.20
CA PRO A 161 -32.01 4.30 20.71
C PRO A 161 -30.54 4.29 20.24
N PRO A 162 -29.63 3.58 20.95
CA PRO A 162 -28.22 3.59 20.51
C PRO A 162 -27.96 2.81 19.23
N PHE A 163 -26.97 3.26 18.48
CA PHE A 163 -26.52 2.66 17.23
C PHE A 163 -25.98 1.24 17.52
N ARG A 164 -26.51 0.24 16.81
CA ARG A 164 -26.11 -1.17 17.04
C ARG A 164 -25.11 -1.52 15.97
N PHE A 165 -23.86 -1.79 16.36
CA PHE A 165 -22.79 -2.12 15.42
C PHE A 165 -21.81 -3.11 16.00
N GLY A 166 -21.27 -3.96 15.15
CA GLY A 166 -20.32 -4.99 15.53
C GLY A 166 -19.38 -5.42 14.42
N THR A 167 -18.45 -6.31 14.78
CA THR A 167 -17.46 -6.88 13.87
C THR A 167 -17.45 -8.38 14.10
N VAL A 168 -16.58 -9.10 13.37
CA VAL A 168 -16.36 -10.52 13.59
C VAL A 168 -15.10 -10.46 14.44
N PRO A 169 -15.17 -10.85 15.73
CA PRO A 169 -14.00 -10.70 16.59
C PRO A 169 -12.83 -11.59 16.21
N ASN A 170 -11.68 -11.39 16.90
CA ASN A 170 -10.45 -12.19 16.90
C ASN A 170 -9.53 -11.92 15.73
N GLY A 171 -9.91 -10.98 14.88
CA GLY A 171 -9.09 -10.62 13.74
C GLY A 171 -8.49 -9.25 13.91
N SER A 172 -7.77 -8.79 12.93
CA SER A 172 -7.12 -7.48 12.93
C SER A 172 -8.05 -6.28 13.16
N THR A 173 -9.36 -6.36 12.80
CA THR A 173 -10.32 -5.26 12.99
C THR A 173 -10.59 -5.00 14.46
N GLU A 174 -10.95 -6.04 15.22
CA GLU A 174 -11.23 -5.94 16.65
C GLU A 174 -9.98 -5.48 17.38
N ARG A 175 -8.80 -6.02 17.00
CA ARG A 175 -7.50 -5.65 17.57
C ARG A 175 -7.27 -4.14 17.43
N ASN A 176 -7.60 -3.58 16.27
CA ASN A 176 -7.44 -2.17 15.97
C ASN A 176 -8.42 -1.34 16.78
N ILE A 177 -9.69 -1.80 16.88
CA ILE A 177 -10.69 -1.08 17.66
C ILE A 177 -10.33 -1.14 19.13
N ARG A 178 -9.90 -2.31 19.64
CA ARG A 178 -9.49 -2.47 21.05
C ARG A 178 -8.39 -1.48 21.40
N ASN A 179 -7.39 -1.33 20.51
CA ASN A 179 -6.25 -0.44 20.69
C ASN A 179 -6.55 1.05 20.53
N ASN A 180 -7.39 1.45 19.56
CA ASN A 180 -7.68 2.87 19.29
C ASN A 180 -8.90 3.43 19.94
N TYR A 181 -10.01 2.65 20.04
CA TYR A 181 -11.28 3.16 20.60
C TYR A 181 -11.76 2.26 21.73
N PRO A 182 -11.20 2.46 22.96
CA PRO A 182 -11.55 1.56 24.07
C PRO A 182 -13.03 1.50 24.41
N TYR A 183 -13.73 2.65 24.47
CA TYR A 183 -15.16 2.63 24.79
C TYR A 183 -15.98 1.92 23.72
N MET A 184 -15.72 2.27 22.43
CA MET A 184 -16.38 1.69 21.26
CA MET A 184 -16.37 1.70 21.26
C MET A 184 -16.22 0.16 21.29
N HIS A 185 -15.02 -0.30 21.57
CA HIS A 185 -14.74 -1.72 21.63
C HIS A 185 -15.62 -2.47 22.67
N GLN A 186 -15.61 -2.05 23.96
CA GLN A 186 -16.38 -2.70 25.01
C GLN A 186 -17.89 -2.64 24.75
N TYR A 187 -18.33 -1.58 24.05
CA TYR A 187 -19.74 -1.47 23.68
C TYR A 187 -20.10 -2.52 22.59
N MET A 188 -19.23 -2.69 21.60
CA MET A 188 -19.39 -3.53 20.41
C MET A 188 -19.55 -5.04 20.67
N THR A 189 -18.97 -5.53 21.75
CA THR A 189 -18.88 -6.96 21.98
C THR A 189 -20.26 -7.64 22.07
N LYS A 190 -21.32 -6.93 22.51
CA LYS A 190 -22.64 -7.56 22.49
C LYS A 190 -23.16 -7.78 21.04
N PHE A 191 -22.56 -7.08 20.02
CA PHE A 191 -22.97 -7.19 18.62
C PHE A 191 -21.99 -7.97 17.79
N ASN A 192 -21.12 -8.75 18.44
CA ASN A 192 -20.17 -9.67 17.81
C ASN A 192 -20.92 -10.62 16.88
N GLN A 193 -20.40 -10.81 15.69
CA GLN A 193 -20.98 -11.68 14.67
C GLN A 193 -20.11 -12.90 14.47
N LYS A 194 -20.71 -14.07 14.25
CA LYS A 194 -20.01 -15.32 14.01
C LYS A 194 -19.19 -15.30 12.71
N GLY A 195 -19.68 -14.54 11.73
CA GLY A 195 -19.00 -14.40 10.45
C GLY A 195 -19.64 -13.34 9.61
N VAL A 196 -19.08 -13.10 8.42
CA VAL A 196 -19.52 -12.14 7.41
C VAL A 196 -20.97 -12.38 6.99
N GLU A 197 -21.32 -13.63 6.68
CA GLU A 197 -22.66 -14.01 6.23
C GLU A 197 -23.74 -13.69 7.24
N ASP A 198 -23.48 -13.97 8.52
CA ASP A 198 -24.39 -13.67 9.61
C ASP A 198 -24.54 -12.18 9.74
N ALA A 199 -23.41 -11.46 9.70
CA ALA A 199 -23.39 -10.00 9.79
C ALA A 199 -24.20 -9.32 8.72
N LEU A 200 -24.11 -9.78 7.44
CA LEU A 200 -24.86 -9.19 6.33
C LEU A 200 -26.38 -9.45 6.47
N VAL A 201 -26.76 -10.63 6.97
CA VAL A 201 -28.17 -11.00 7.20
C VAL A 201 -28.77 -10.08 8.28
N SER A 202 -28.04 -9.87 9.40
CA SER A 202 -28.45 -9.00 10.51
CA SER A 202 -28.42 -9.01 10.52
C SER A 202 -28.70 -7.58 10.02
N LEU A 203 -27.83 -7.06 9.13
CA LEU A 203 -27.91 -5.75 8.53
C LEU A 203 -29.18 -5.68 7.67
N LYS A 204 -29.34 -6.64 6.73
CA LYS A 204 -30.47 -6.77 5.82
C LYS A 204 -31.82 -7.01 6.51
N THR A 205 -31.84 -7.53 7.76
CA THR A 205 -33.08 -7.79 8.52
C THR A 205 -33.22 -6.86 9.76
N GLY A 206 -32.64 -5.66 9.71
CA GLY A 206 -32.73 -4.66 10.78
C GLY A 206 -32.23 -5.00 12.18
N LYS A 207 -31.54 -6.15 12.35
CA LYS A 207 -30.99 -6.53 13.67
C LYS A 207 -29.65 -5.77 13.98
N LEU A 208 -29.01 -5.19 12.93
CA LEU A 208 -27.75 -4.44 13.02
C LEU A 208 -27.80 -3.16 12.18
N ASP A 209 -27.15 -2.08 12.68
CA ASP A 209 -27.08 -0.79 11.97
C ASP A 209 -25.83 -0.65 11.10
N ALA A 210 -24.67 -1.09 11.61
CA ALA A 210 -23.41 -1.03 10.86
C ALA A 210 -22.53 -2.27 11.14
N PHE A 211 -21.86 -2.75 10.10
CA PHE A 211 -20.89 -3.85 10.21
C PHE A 211 -19.46 -3.32 9.93
N ILE A 212 -18.61 -3.33 10.97
CA ILE A 212 -17.24 -2.85 10.87
C ILE A 212 -16.37 -4.03 10.50
N TYR A 213 -15.65 -3.97 9.36
CA TYR A 213 -14.87 -5.15 8.96
C TYR A 213 -13.79 -4.83 7.94
N ASP A 214 -13.02 -5.87 7.57
CA ASP A 214 -12.00 -5.83 6.54
C ASP A 214 -12.53 -5.13 5.30
N ALA A 215 -11.84 -4.05 4.86
CA ALA A 215 -12.19 -3.19 3.71
C ALA A 215 -12.32 -3.95 2.40
N ALA A 216 -11.34 -4.78 2.03
CA ALA A 216 -11.38 -5.55 0.78
C ALA A 216 -12.55 -6.51 0.72
N VAL A 217 -12.89 -7.23 1.82
CA VAL A 217 -14.05 -8.14 1.85
C VAL A 217 -15.35 -7.34 1.76
N LEU A 218 -15.48 -6.27 2.56
CA LEU A 218 -16.66 -5.41 2.55
C LEU A 218 -16.95 -4.74 1.21
N ASN A 219 -15.92 -4.27 0.51
CA ASN A 219 -16.07 -3.66 -0.82
C ASN A 219 -16.51 -4.72 -1.84
N TYR A 220 -16.01 -5.97 -1.73
CA TYR A 220 -16.43 -7.06 -2.61
C TYR A 220 -17.91 -7.38 -2.37
N LYS A 221 -18.31 -7.50 -1.09
CA LYS A 221 -19.67 -7.77 -0.66
C LYS A 221 -20.65 -6.68 -1.10
N ALA A 222 -20.26 -5.39 -1.03
CA ALA A 222 -21.07 -4.24 -1.47
C ALA A 222 -21.25 -4.31 -3.00
N GLY A 223 -20.18 -4.63 -3.72
CA GLY A 223 -20.16 -4.74 -5.16
C GLY A 223 -21.03 -5.84 -5.74
N ARG A 224 -21.35 -6.88 -4.93
CA ARG A 224 -22.13 -8.08 -5.25
C ARG A 224 -23.47 -8.17 -4.48
N ASP A 225 -23.81 -7.11 -3.73
CA ASP A 225 -25.05 -7.10 -2.97
C ASP A 225 -26.28 -7.05 -3.89
N GLU A 226 -27.21 -8.01 -3.68
CA GLU A 226 -28.47 -8.15 -4.42
C GLU A 226 -29.38 -6.92 -4.18
N GLY A 227 -29.58 -6.13 -5.22
CA GLY A 227 -30.36 -4.89 -5.13
C GLY A 227 -29.53 -3.69 -4.73
N CYS A 228 -28.23 -3.93 -4.43
CA CYS A 228 -27.23 -2.94 -4.02
C CYS A 228 -27.67 -2.08 -2.81
N LYS A 229 -28.31 -2.73 -1.82
CA LYS A 229 -28.80 -2.10 -0.59
C LYS A 229 -27.64 -1.72 0.36
N LEU A 230 -26.74 -2.69 0.63
CA LEU A 230 -25.59 -2.56 1.51
C LEU A 230 -24.42 -1.88 0.87
N VAL A 231 -23.95 -0.80 1.49
CA VAL A 231 -22.81 0.00 1.00
C VAL A 231 -21.79 0.23 2.11
N THR A 232 -20.56 0.60 1.72
CA THR A 232 -19.49 1.00 2.64
C THR A 232 -19.46 2.54 2.63
N ILE A 233 -19.48 3.18 3.82
CA ILE A 233 -19.50 4.65 3.97
C ILE A 233 -18.27 5.31 3.36
N GLY A 234 -18.53 6.41 2.65
CA GLY A 234 -17.59 7.14 1.83
C GLY A 234 -17.61 6.49 0.45
N SER A 235 -16.59 6.75 -0.37
CA SER A 235 -16.52 6.08 -1.67
C SER A 235 -15.79 4.74 -1.42
N GLY A 236 -16.29 3.98 -0.43
CA GLY A 236 -15.68 2.76 0.06
C GLY A 236 -14.40 3.11 0.81
N TYR A 237 -14.50 4.12 1.72
CA TYR A 237 -13.40 4.68 2.53
C TYR A 237 -12.71 3.67 3.45
N ILE A 238 -11.36 3.78 3.57
CA ILE A 238 -10.55 2.87 4.39
C ILE A 238 -9.85 3.58 5.57
N PHE A 239 -10.13 3.11 6.78
CA PHE A 239 -9.55 3.55 8.03
C PHE A 239 -8.44 2.58 8.35
N ALA A 240 -7.34 3.06 8.96
CA ALA A 240 -6.16 2.27 9.33
C ALA A 240 -5.73 1.36 8.17
N THR A 241 -5.47 1.98 6.97
CA THR A 241 -5.09 1.27 5.75
CA THR A 241 -5.05 1.31 5.74
C THR A 241 -3.83 0.43 5.96
N THR A 242 -3.87 -0.75 5.41
CA THR A 242 -2.83 -1.76 5.46
C THR A 242 -3.06 -2.64 4.23
N GLY A 243 -2.54 -3.86 4.23
CA GLY A 243 -2.77 -4.74 3.10
C GLY A 243 -2.74 -6.19 3.45
N TYR A 244 -3.04 -7.05 2.45
CA TYR A 244 -2.87 -8.48 2.65
C TYR A 244 -1.45 -8.81 2.26
N GLY A 245 -0.80 -9.66 3.03
CA GLY A 245 0.55 -10.11 2.73
C GLY A 245 0.73 -11.59 2.99
N ILE A 246 1.70 -12.21 2.34
CA ILE A 246 2.01 -13.62 2.58
C ILE A 246 2.86 -13.61 3.86
N ALA A 247 2.46 -14.41 4.88
CA ALA A 247 3.26 -14.45 6.10
C ALA A 247 4.27 -15.59 5.97
N LEU A 248 5.53 -15.29 6.33
CA LEU A 248 6.66 -16.21 6.27
C LEU A 248 7.38 -16.23 7.61
N GLN A 249 8.13 -17.32 7.86
CA GLN A 249 8.91 -17.45 9.09
C GLN A 249 9.94 -16.30 9.20
N LYS A 250 10.21 -15.84 10.43
CA LYS A 250 11.14 -14.74 10.68
C LYS A 250 12.49 -15.08 10.06
N GLY A 251 12.95 -14.20 9.17
CA GLY A 251 14.19 -14.36 8.41
C GLY A 251 14.18 -15.47 7.39
N SER A 252 13.03 -15.66 6.71
CA SER A 252 12.81 -16.67 5.68
C SER A 252 13.63 -16.42 4.41
N PRO A 253 14.19 -17.48 3.77
CA PRO A 253 14.94 -17.25 2.51
C PRO A 253 14.03 -17.07 1.29
N TRP A 254 12.71 -17.23 1.48
CA TRP A 254 11.70 -17.13 0.44
C TRP A 254 11.18 -15.72 0.26
N LYS A 255 11.20 -14.89 1.33
CA LYS A 255 10.70 -13.50 1.32
C LYS A 255 11.13 -12.70 0.08
N ARG A 256 12.46 -12.58 -0.15
CA ARG A 256 13.10 -11.83 -1.23
C ARG A 256 12.50 -12.13 -2.59
N GLN A 257 12.59 -13.40 -3.04
CA GLN A 257 12.08 -13.86 -4.33
C GLN A 257 10.57 -13.64 -4.47
N ILE A 258 9.82 -13.78 -3.35
CA ILE A 258 8.37 -13.56 -3.28
C ILE A 258 8.06 -12.07 -3.45
N ASP A 259 8.81 -11.16 -2.82
CA ASP A 259 8.59 -9.71 -3.00
C ASP A 259 8.86 -9.33 -4.44
N LEU A 260 9.97 -9.80 -5.00
CA LEU A 260 10.37 -9.50 -6.37
C LEU A 260 9.34 -9.95 -7.39
N ALA A 261 8.80 -11.18 -7.23
CA ALA A 261 7.77 -11.73 -8.10
C ALA A 261 6.45 -10.95 -8.01
N LEU A 262 6.03 -10.54 -6.79
CA LEU A 262 4.81 -9.74 -6.61
C LEU A 262 4.98 -8.36 -7.32
N LEU A 263 6.10 -7.65 -7.09
CA LEU A 263 6.38 -6.37 -7.76
C LEU A 263 6.53 -6.54 -9.27
N GLN A 264 6.99 -7.73 -9.73
CA GLN A 264 7.07 -8.10 -11.15
C GLN A 264 5.65 -8.22 -11.71
N PHE A 265 4.73 -8.95 -10.99
CA PHE A 265 3.31 -9.12 -11.36
C PHE A 265 2.59 -7.76 -11.54
N VAL A 266 2.89 -6.77 -10.70
CA VAL A 266 2.32 -5.40 -10.76
C VAL A 266 2.83 -4.70 -12.04
N GLY A 267 4.14 -4.76 -12.24
CA GLY A 267 4.82 -4.17 -13.40
C GLY A 267 4.26 -4.66 -14.72
N ASP A 268 4.02 -5.99 -14.82
CA ASP A 268 3.53 -6.68 -16.02
C ASP A 268 2.01 -6.58 -16.23
N GLY A 269 1.30 -5.94 -15.30
CA GLY A 269 -0.15 -5.82 -15.35
C GLY A 269 -0.89 -7.11 -15.02
N GLU A 270 -0.20 -8.08 -14.41
CA GLU A 270 -0.77 -9.37 -13.99
C GLU A 270 -1.72 -9.19 -12.77
N MET A 271 -1.43 -8.20 -11.90
CA MET A 271 -2.24 -7.86 -10.73
C MET A 271 -3.63 -7.38 -11.12
N GLU A 272 -3.69 -6.40 -12.06
CA GLU A 272 -4.96 -5.84 -12.55
C GLU A 272 -5.78 -6.89 -13.25
N GLU A 273 -5.14 -7.85 -13.91
CA GLU A 273 -5.84 -8.96 -14.56
C GLU A 273 -6.56 -9.79 -13.48
N LEU A 274 -5.93 -10.05 -12.32
CA LEU A 274 -6.56 -10.81 -11.22
C LEU A 274 -7.66 -10.03 -10.52
N GLU A 275 -7.43 -8.72 -10.31
CA GLU A 275 -8.36 -7.80 -9.69
C GLU A 275 -9.63 -7.71 -10.53
N THR A 276 -9.48 -7.70 -11.87
CA THR A 276 -10.59 -7.66 -12.83
C THR A 276 -11.34 -8.99 -12.80
N LEU A 277 -10.61 -10.09 -12.82
CA LEU A 277 -11.16 -11.44 -12.80
C LEU A 277 -11.91 -11.82 -11.51
N TRP A 278 -11.41 -11.38 -10.33
CA TRP A 278 -12.00 -11.81 -9.06
C TRP A 278 -12.75 -10.79 -8.26
N LEU A 279 -12.35 -9.51 -8.33
CA LEU A 279 -12.87 -8.51 -7.41
C LEU A 279 -13.85 -7.47 -7.97
N THR A 280 -14.01 -7.36 -9.31
CA THR A 280 -14.94 -6.37 -9.88
C THR A 280 -16.40 -6.72 -9.57
N GLY A 281 -17.22 -5.70 -9.37
CA GLY A 281 -18.63 -5.86 -9.02
C GLY A 281 -19.62 -5.11 -9.89
N ILE A 282 -20.91 -5.41 -9.69
CA ILE A 282 -22.05 -4.80 -10.38
C ILE A 282 -22.30 -3.43 -9.78
N CYS A 283 -22.49 -3.36 -8.44
CA CYS A 283 -22.79 -2.13 -7.72
C CYS A 283 -21.57 -1.21 -7.68
N MET B 3 33.99 10.97 14.36
CA MET B 3 33.02 10.50 15.36
C MET B 3 31.60 11.00 14.99
N SER B 4 30.73 10.09 14.51
CA SER B 4 29.33 10.36 14.13
C SER B 4 28.55 9.11 13.71
N THR B 5 27.49 8.81 14.48
CA THR B 5 26.54 7.72 14.22
C THR B 5 25.21 8.38 13.79
N ARG B 6 25.35 9.55 13.13
CA ARG B 6 24.28 10.38 12.59
C ARG B 6 23.97 9.86 11.20
N LEU B 7 22.66 9.73 10.91
CA LEU B 7 22.12 9.23 9.64
C LEU B 7 22.06 10.30 8.57
N LYS B 8 22.64 9.97 7.39
CA LYS B 8 22.60 10.84 6.21
C LYS B 8 21.28 10.51 5.50
N ILE B 9 20.40 11.49 5.41
CA ILE B 9 19.10 11.34 4.78
C ILE B 9 19.14 12.07 3.47
N VAL B 10 18.72 11.39 2.40
CA VAL B 10 18.61 12.02 1.10
C VAL B 10 17.13 12.18 0.78
N THR B 11 16.78 13.34 0.22
CA THR B 11 15.43 13.66 -0.20
C THR B 11 15.53 14.46 -1.51
N ILE B 12 14.37 14.77 -2.09
CA ILE B 12 14.22 15.46 -3.37
C ILE B 12 13.08 16.45 -3.20
N HIS B 13 13.07 17.52 -4.00
CA HIS B 13 11.98 18.47 -3.98
C HIS B 13 10.77 17.87 -4.69
N GLN B 14 9.69 17.60 -3.93
CA GLN B 14 8.42 17.08 -4.48
C GLN B 14 7.22 17.46 -3.62
N GLU B 15 6.51 18.53 -4.03
CA GLU B 15 5.30 19.00 -3.35
C GLU B 15 4.18 17.98 -3.49
N PRO B 16 3.41 17.66 -2.41
CA PRO B 16 3.44 18.27 -1.07
C PRO B 16 4.22 17.51 -0.01
N PHE B 17 5.06 16.57 -0.44
CA PHE B 17 5.82 15.71 0.44
C PHE B 17 7.07 16.35 0.95
N VAL B 18 7.77 17.12 0.08
CA VAL B 18 9.01 17.83 0.40
C VAL B 18 8.98 19.17 -0.31
N TYR B 19 8.81 20.22 0.49
CA TYR B 19 8.83 21.61 0.10
C TYR B 19 10.26 22.03 0.34
N VAL B 20 10.83 22.80 -0.59
CA VAL B 20 12.20 23.30 -0.52
C VAL B 20 12.12 24.78 -0.78
N LYS B 21 12.56 25.55 0.22
CA LYS B 21 12.54 27.00 0.26
C LYS B 21 13.89 27.48 0.80
N PRO B 22 14.33 28.73 0.49
CA PRO B 22 15.60 29.21 1.06
C PRO B 22 15.47 29.56 2.54
N THR B 23 16.62 29.59 3.25
CA THR B 23 16.66 29.98 4.66
C THR B 23 16.49 31.52 4.75
N LEU B 24 16.45 32.04 5.99
CA LEU B 24 16.34 33.47 6.23
C LEU B 24 17.77 34.02 6.18
N SER B 25 17.94 35.36 6.27
CA SER B 25 19.26 36.01 6.25
C SER B 25 20.23 35.50 7.33
N ASP B 26 19.72 34.82 8.38
CA ASP B 26 20.53 34.27 9.46
C ASP B 26 20.73 32.73 9.38
N GLY B 27 20.21 32.11 8.32
CA GLY B 27 20.30 30.67 8.11
C GLY B 27 19.36 29.87 8.99
N THR B 28 18.11 30.34 9.12
CA THR B 28 17.04 29.67 9.89
C THR B 28 15.80 29.62 9.04
N CYS B 29 14.76 28.90 9.49
CA CYS B 29 13.54 28.75 8.70
C CYS B 29 12.39 29.64 9.18
N LYS B 30 11.68 30.30 8.23
CA LYS B 30 10.51 31.15 8.49
C LYS B 30 9.49 30.30 9.25
N GLU B 31 9.20 30.68 10.51
CA GLU B 31 8.28 29.96 11.40
C GLU B 31 6.85 30.08 10.91
N GLU B 32 6.34 28.98 10.31
CA GLU B 32 5.01 28.90 9.71
C GLU B 32 4.06 28.04 10.56
N PHE B 33 2.76 28.06 10.23
CA PHE B 33 1.74 27.32 10.99
C PHE B 33 0.70 26.66 10.10
N THR B 34 0.30 25.43 10.46
CA THR B 34 -0.70 24.61 9.76
C THR B 34 -2.10 25.25 9.84
N ASP B 38 -1.09 24.81 14.79
CA ASP B 38 0.08 23.94 14.99
C ASP B 38 1.33 24.41 14.21
N PRO B 39 2.53 24.38 14.81
CA PRO B 39 3.74 24.81 14.08
C PRO B 39 4.13 23.83 12.96
N VAL B 40 4.61 24.38 11.84
CA VAL B 40 5.10 23.59 10.71
C VAL B 40 6.56 23.25 11.06
N LYS B 41 6.83 21.95 11.28
CA LYS B 41 8.16 21.43 11.62
C LYS B 41 9.07 21.54 10.39
N LYS B 42 10.25 22.16 10.54
CA LYS B 42 11.17 22.36 9.42
C LYS B 42 12.58 21.93 9.72
N VAL B 43 13.29 21.43 8.69
CA VAL B 43 14.69 21.00 8.81
C VAL B 43 15.58 21.72 7.85
N ILE B 44 16.88 21.80 8.20
CA ILE B 44 17.89 22.39 7.33
C ILE B 44 18.31 21.28 6.39
N CYS B 45 18.16 21.52 5.07
CA CYS B 45 18.55 20.59 4.01
C CYS B 45 19.51 21.23 2.98
N THR B 46 20.80 20.85 3.08
CA THR B 46 21.88 21.28 2.17
C THR B 46 21.63 20.71 0.76
N GLY B 47 21.75 21.55 -0.26
CA GLY B 47 21.53 21.12 -1.64
C GLY B 47 22.05 22.07 -2.70
N PRO B 48 22.23 21.59 -3.96
CA PRO B 48 22.74 22.49 -5.02
C PRO B 48 21.75 23.57 -5.46
N ASN B 49 22.20 24.84 -5.37
CA ASN B 49 21.45 26.04 -5.75
C ASN B 49 21.27 26.13 -7.25
N ASP B 50 22.22 25.56 -8.01
CA ASP B 50 22.22 25.59 -9.46
C ASP B 50 21.76 24.27 -10.09
N THR B 51 20.63 24.33 -10.83
CA THR B 51 20.08 23.20 -11.59
C THR B 51 20.86 23.15 -12.93
N SER B 52 20.26 22.63 -14.04
CA SER B 52 20.87 22.51 -15.38
C SER B 52 21.92 21.37 -15.46
N PRO B 53 21.86 20.49 -16.49
CA PRO B 53 22.81 19.37 -16.54
C PRO B 53 24.23 19.77 -16.98
N GLY B 54 25.22 19.05 -16.44
CA GLY B 54 26.64 19.25 -16.72
C GLY B 54 27.19 20.56 -16.19
N SER B 55 26.65 21.01 -15.03
CA SER B 55 27.03 22.27 -14.38
C SER B 55 27.53 22.06 -12.94
N PRO B 56 28.49 22.89 -12.46
CA PRO B 56 28.97 22.76 -11.07
C PRO B 56 27.84 22.94 -10.05
N ARG B 57 27.83 22.05 -9.04
CA ARG B 57 26.82 22.02 -7.99
C ARG B 57 27.35 22.63 -6.67
N HIS B 58 26.91 23.87 -6.34
CA HIS B 58 27.30 24.57 -5.10
C HIS B 58 26.31 24.31 -3.95
N THR B 59 26.71 23.44 -3.00
CA THR B 59 25.92 23.04 -1.83
C THR B 59 25.63 24.25 -0.90
N VAL B 60 24.32 24.56 -0.73
CA VAL B 60 23.82 25.64 0.14
C VAL B 60 22.73 25.16 1.12
N PRO B 61 22.73 25.64 2.39
CA PRO B 61 21.66 25.24 3.32
C PRO B 61 20.33 25.83 2.88
N GLN B 62 19.29 24.96 2.88
CA GLN B 62 17.92 25.27 2.48
C GLN B 62 16.97 24.78 3.59
N CYS B 63 15.65 25.09 3.49
CA CYS B 63 14.63 24.66 4.45
C CYS B 63 13.75 23.57 3.85
N CYS B 64 13.58 22.45 4.58
CA CYS B 64 12.77 21.32 4.14
C CYS B 64 11.58 21.02 5.07
N TYR B 65 10.38 20.88 4.46
CA TYR B 65 9.14 20.54 5.19
C TYR B 65 8.16 19.76 4.31
N GLY B 66 7.16 19.15 4.93
CA GLY B 66 6.14 18.40 4.21
C GLY B 66 5.92 17.03 4.80
N PHE B 67 4.97 16.30 4.20
CA PHE B 67 4.55 14.94 4.55
C PHE B 67 5.75 14.04 4.94
N CYS B 68 6.80 13.99 4.08
CA CYS B 68 8.01 13.18 4.28
C CYS B 68 8.91 13.70 5.39
N ILE B 69 8.91 15.00 5.64
CA ILE B 69 9.74 15.55 6.72
C ILE B 69 9.08 15.23 8.08
N ASP B 70 7.74 15.41 8.16
CA ASP B 70 6.95 15.06 9.34
C ASP B 70 7.16 13.59 9.62
N LEU B 71 7.18 12.78 8.54
CA LEU B 71 7.45 11.35 8.63
C LEU B 71 8.87 11.01 9.16
N LEU B 72 9.92 11.71 8.66
CA LEU B 72 11.31 11.49 9.11
C LEU B 72 11.44 11.78 10.60
N ILE B 73 10.95 12.96 11.04
CA ILE B 73 10.96 13.41 12.44
C ILE B 73 10.31 12.35 13.34
N LYS B 74 9.12 11.82 12.92
CA LYS B 74 8.41 10.74 13.64
C LYS B 74 9.28 9.47 13.68
N LEU B 75 9.96 9.13 12.58
CA LEU B 75 10.85 7.97 12.53
C LEU B 75 12.07 8.14 13.46
N ALA B 76 12.70 9.32 13.44
CA ALA B 76 13.85 9.61 14.29
C ALA B 76 13.47 9.48 15.79
N ARG B 77 12.39 10.16 16.22
CA ARG B 77 11.88 10.12 17.60
C ARG B 77 11.50 8.71 18.06
N THR B 78 10.94 7.89 17.16
CA THR B 78 10.51 6.51 17.44
C THR B 78 11.69 5.55 17.66
N MET B 79 12.70 5.58 16.77
CA MET B 79 13.84 4.67 16.80
C MET B 79 15.06 5.19 17.52
N ASN B 80 15.00 6.48 17.96
CA ASN B 80 16.08 7.19 18.68
C ASN B 80 17.34 7.28 17.81
N PHE B 81 17.21 7.98 16.69
CA PHE B 81 18.33 8.22 15.80
C PHE B 81 18.50 9.70 15.55
N THR B 82 19.76 10.05 15.28
CA THR B 82 20.21 11.40 14.92
C THR B 82 20.31 11.39 13.41
N TYR B 83 20.07 12.54 12.79
CA TYR B 83 20.12 12.63 11.34
C TYR B 83 20.54 14.00 10.87
N GLU B 84 20.93 14.08 9.58
CA GLU B 84 21.25 15.29 8.84
C GLU B 84 20.66 15.08 7.44
N VAL B 85 20.01 16.12 6.89
CA VAL B 85 19.28 16.05 5.63
C VAL B 85 19.94 16.83 4.52
N HIS B 86 19.99 16.20 3.33
CA HIS B 86 20.49 16.84 2.12
C HIS B 86 19.62 16.46 0.93
N LEU B 87 19.53 17.34 -0.06
CA LEU B 87 18.77 17.09 -1.29
C LEU B 87 19.69 16.38 -2.30
N VAL B 88 19.12 15.48 -3.14
CA VAL B 88 19.84 14.70 -4.15
C VAL B 88 20.55 15.63 -5.16
N ALA B 89 21.91 15.54 -5.17
CA ALA B 89 22.80 16.38 -5.99
C ALA B 89 22.40 16.49 -7.46
N ASP B 90 22.00 15.35 -8.10
CA ASP B 90 21.63 15.33 -9.51
C ASP B 90 20.14 15.63 -9.79
N GLY B 91 19.36 15.88 -8.72
CA GLY B 91 17.93 16.19 -8.75
C GLY B 91 16.96 15.09 -9.20
N LYS B 92 17.42 13.80 -9.19
CA LYS B 92 16.62 12.67 -9.70
C LYS B 92 16.24 11.61 -8.71
N PHE B 93 15.12 10.89 -9.00
CA PHE B 93 14.67 9.77 -8.18
C PHE B 93 15.62 8.59 -8.32
N GLY B 94 15.85 8.16 -9.55
CA GLY B 94 16.80 7.09 -9.80
C GLY B 94 16.38 5.91 -10.63
N THR B 95 17.17 5.66 -11.70
CA THR B 95 17.08 4.53 -12.63
C THR B 95 18.47 3.90 -12.76
N GLN B 96 18.51 2.66 -13.29
CA GLN B 96 19.76 1.94 -13.58
C GLN B 96 20.01 2.09 -15.08
N GLU B 97 21.05 2.83 -15.47
CA GLU B 97 21.39 3.01 -16.89
C GLU B 97 22.72 2.30 -17.23
N ARG B 98 22.93 1.98 -18.53
CA ARG B 98 24.20 1.38 -18.95
C ARG B 98 25.20 2.53 -19.17
N VAL B 99 26.44 2.29 -18.74
CA VAL B 99 27.58 3.22 -18.86
C VAL B 99 28.23 2.97 -20.22
N LYS B 104 28.64 -2.61 -17.94
CA LYS B 104 28.61 -1.89 -16.65
C LYS B 104 27.34 -1.02 -16.53
N LYS B 105 26.60 -1.22 -15.44
CA LYS B 105 25.36 -0.49 -15.19
C LYS B 105 25.49 0.34 -13.92
N GLU B 106 24.87 1.52 -13.91
CA GLU B 106 24.97 2.37 -12.73
C GLU B 106 23.64 2.95 -12.31
N TRP B 107 23.40 3.05 -10.98
CA TRP B 107 22.20 3.72 -10.47
C TRP B 107 22.51 5.24 -10.33
N ASN B 108 21.56 6.04 -10.76
CA ASN B 108 21.68 7.47 -10.61
C ASN B 108 20.66 7.94 -9.52
N GLY B 109 20.55 9.26 -9.32
CA GLY B 109 19.66 9.88 -8.34
C GLY B 109 19.91 9.45 -6.91
N MET B 110 18.80 9.40 -6.12
CA MET B 110 18.85 8.98 -4.70
C MET B 110 19.23 7.51 -4.59
N MET B 111 18.92 6.70 -5.62
CA MET B 111 19.31 5.28 -5.68
C MET B 111 20.84 5.16 -5.68
N GLY B 112 21.49 5.91 -6.58
CA GLY B 112 22.95 5.93 -6.68
C GLY B 112 23.56 6.43 -5.39
N GLU B 113 23.00 7.53 -4.87
CA GLU B 113 23.40 8.14 -3.60
C GLU B 113 23.40 7.18 -2.43
N LEU B 114 22.31 6.41 -2.24
CA LEU B 114 22.17 5.43 -1.18
C LEU B 114 23.12 4.26 -1.35
N LEU B 115 23.21 3.70 -2.58
CA LEU B 115 24.10 2.55 -2.85
C LEU B 115 25.61 2.88 -2.66
N SER B 116 26.00 4.16 -2.81
CA SER B 116 27.39 4.56 -2.64
C SER B 116 27.76 4.95 -1.18
N GLY B 117 26.77 5.06 -0.29
CA GLY B 117 27.04 5.48 1.09
C GLY B 117 27.04 6.99 1.29
N GLN B 118 26.70 7.77 0.23
CA GLN B 118 26.59 9.24 0.29
C GLN B 118 25.35 9.60 1.14
N ALA B 119 24.42 8.63 1.27
CA ALA B 119 23.16 8.63 2.01
C ALA B 119 23.03 7.31 2.73
N ASP B 120 22.37 7.34 3.88
CA ASP B 120 22.10 6.16 4.69
C ASP B 120 20.63 5.81 4.61
N MET B 121 19.81 6.76 4.14
CA MET B 121 18.38 6.57 4.01
C MET B 121 17.76 7.49 2.97
N ILE B 122 16.76 6.98 2.24
CA ILE B 122 15.98 7.79 1.28
C ILE B 122 14.60 8.04 1.92
N VAL B 123 14.25 9.33 2.10
CA VAL B 123 12.96 9.73 2.66
C VAL B 123 12.34 10.65 1.65
N ALA B 124 11.43 10.13 0.84
CA ALA B 124 10.84 10.86 -0.26
C ALA B 124 9.63 10.08 -0.80
N PRO B 125 8.81 10.65 -1.73
CA PRO B 125 7.76 9.84 -2.36
C PRO B 125 8.41 8.93 -3.45
N LEU B 126 9.26 7.99 -3.03
CA LEU B 126 10.02 7.03 -3.83
C LEU B 126 9.20 5.74 -4.01
N THR B 127 8.86 5.44 -5.27
CA THR B 127 8.06 4.29 -5.69
C THR B 127 8.79 3.01 -5.47
N ILE B 128 8.07 1.99 -4.90
CA ILE B 128 8.60 0.65 -4.66
C ILE B 128 8.41 -0.14 -5.97
N ASN B 129 9.51 -0.59 -6.58
CA ASN B 129 9.42 -1.36 -7.81
C ASN B 129 10.44 -2.49 -7.82
N ASN B 130 10.27 -3.44 -8.74
CA ASN B 130 11.12 -4.63 -8.87
C ASN B 130 12.62 -4.24 -9.04
N GLU B 131 12.89 -3.39 -10.03
CA GLU B 131 14.23 -2.91 -10.42
C GLU B 131 14.99 -2.37 -9.23
N ARG B 132 14.38 -1.48 -8.43
CA ARG B 132 15.04 -0.93 -7.23
C ARG B 132 15.13 -1.92 -6.08
N ALA B 133 14.09 -2.79 -5.90
CA ALA B 133 14.06 -3.79 -4.81
C ALA B 133 15.09 -4.92 -5.01
N GLN B 134 15.62 -5.06 -6.23
CA GLN B 134 16.71 -6.01 -6.47
C GLN B 134 18.01 -5.52 -5.77
N TYR B 135 18.14 -4.20 -5.52
CA TYR B 135 19.35 -3.58 -4.96
C TYR B 135 19.23 -3.01 -3.56
N ILE B 136 18.05 -2.47 -3.22
CA ILE B 136 17.86 -1.86 -1.90
C ILE B 136 16.69 -2.47 -1.13
N GLU B 137 16.65 -2.17 0.16
CA GLU B 137 15.56 -2.52 1.05
C GLU B 137 14.52 -1.37 1.03
N PHE B 138 13.27 -1.74 0.81
CA PHE B 138 12.15 -0.79 0.87
C PHE B 138 11.37 -1.10 2.14
N SER B 139 10.95 -0.08 2.86
CA SER B 139 10.12 -0.31 4.05
C SER B 139 8.71 -0.71 3.56
N LYS B 140 7.83 -1.03 4.52
CA LYS B 140 6.43 -1.28 4.22
C LYS B 140 5.92 0.08 3.70
N PRO B 141 5.02 0.14 2.68
CA PRO B 141 4.62 1.45 2.15
C PRO B 141 3.93 2.37 3.15
N PHE B 142 4.18 3.68 3.00
CA PHE B 142 3.55 4.67 3.89
C PHE B 142 2.43 5.36 3.11
N LYS B 143 2.36 5.08 1.79
CA LYS B 143 1.34 5.59 0.88
C LYS B 143 1.20 4.66 -0.30
N TYR B 144 -0.05 4.37 -0.69
CA TYR B 144 -0.43 3.56 -1.83
C TYR B 144 -1.09 4.52 -2.79
N GLN B 145 -0.58 4.59 -4.02
CA GLN B 145 -1.12 5.51 -5.03
C GLN B 145 -0.94 4.90 -6.42
N GLY B 146 -1.16 5.70 -7.47
CA GLY B 146 -1.01 5.20 -8.82
C GLY B 146 -0.57 6.26 -9.81
N LEU B 147 -0.58 5.90 -11.10
CA LEU B 147 -0.22 6.87 -12.13
C LEU B 147 -1.48 7.39 -12.78
N THR B 148 -1.46 8.69 -13.07
CA THR B 148 -2.54 9.40 -13.73
C THR B 148 -1.92 10.42 -14.72
N ILE B 149 -2.77 11.15 -15.48
CA ILE B 149 -2.34 12.12 -16.49
C ILE B 149 -2.79 13.54 -16.15
N LEU B 150 -1.86 14.51 -16.11
CA LEU B 150 -2.15 15.93 -15.87
C LEU B 150 -2.26 16.70 -17.19
N VAL B 151 -3.50 17.13 -17.51
CA VAL B 151 -3.79 17.92 -18.72
C VAL B 151 -4.30 19.32 -18.34
N LYS B 152 -4.36 20.24 -19.33
CA LYS B 152 -4.89 21.60 -19.14
C LYS B 152 -6.42 21.51 -19.19
N LYS B 153 -7.11 22.36 -18.38
CA LYS B 153 -8.57 22.39 -18.34
C LYS B 153 -9.10 22.73 -19.74
N GLY B 154 -9.61 21.70 -20.42
CA GLY B 154 -10.12 21.79 -21.79
C GLY B 154 -9.72 20.61 -22.65
N THR B 155 -8.56 19.98 -22.34
CA THR B 155 -8.02 18.83 -23.05
C THR B 155 -8.79 17.55 -22.64
N ARG B 156 -9.14 16.69 -23.62
CA ARG B 156 -9.90 15.45 -23.38
C ARG B 156 -9.15 14.17 -23.73
N ILE B 157 -9.01 13.26 -22.73
CA ILE B 157 -8.35 11.96 -22.86
C ILE B 157 -9.11 10.90 -22.03
N THR B 158 -9.37 9.71 -22.62
CA THR B 158 -10.09 8.60 -21.95
C THR B 158 -9.22 7.83 -20.91
N GLY B 159 -7.90 7.99 -20.99
CA GLY B 159 -6.94 7.34 -20.10
C GLY B 159 -5.68 6.87 -20.81
N ILE B 160 -5.08 5.77 -20.32
CA ILE B 160 -3.87 5.17 -20.90
C ILE B 160 -4.16 4.50 -22.26
N ASN B 161 -5.44 4.15 -22.50
CA ASN B 161 -5.93 3.51 -23.73
C ASN B 161 -6.42 4.52 -24.79
N ASP B 162 -6.16 5.84 -24.59
CA ASP B 162 -6.56 6.88 -25.52
C ASP B 162 -5.70 6.83 -26.82
N PRO B 163 -6.34 6.92 -28.02
CA PRO B 163 -5.56 6.85 -29.28
C PRO B 163 -4.58 8.00 -29.51
N ARG B 164 -4.73 9.14 -28.80
CA ARG B 164 -3.81 10.28 -28.89
C ARG B 164 -2.43 9.93 -28.28
N LEU B 165 -2.39 8.87 -27.44
CA LEU B 165 -1.18 8.39 -26.75
C LEU B 165 -0.71 7.05 -27.32
N ARG B 166 -1.64 6.08 -27.53
CA ARG B 166 -1.32 4.76 -28.10
C ARG B 166 -0.78 4.87 -29.53
N ASN B 167 -1.24 5.89 -30.28
CA ASN B 167 -0.80 6.24 -31.63
C ASN B 167 -0.16 7.66 -31.59
N PRO B 168 1.10 7.80 -31.09
CA PRO B 168 1.70 9.13 -30.98
C PRO B 168 1.94 9.89 -32.28
N SER B 169 2.06 11.22 -32.15
CA SER B 169 2.29 12.20 -33.21
C SER B 169 2.89 13.48 -32.61
N ASP B 170 3.76 14.17 -33.39
CA ASP B 170 4.43 15.43 -32.99
C ASP B 170 3.43 16.56 -32.64
N LYS B 171 2.14 16.31 -32.95
CA LYS B 171 1.02 17.19 -32.69
C LYS B 171 0.83 17.27 -31.17
N PHE B 172 0.41 16.15 -30.54
CA PHE B 172 0.17 16.03 -29.09
C PHE B 172 1.40 15.53 -28.33
N ILE B 173 2.03 16.41 -27.54
CA ILE B 173 3.21 16.08 -26.75
C ILE B 173 2.86 15.65 -25.30
N TYR B 174 3.18 14.39 -24.95
CA TYR B 174 3.00 13.82 -23.63
C TYR B 174 4.34 13.27 -23.13
N ALA B 175 4.72 13.63 -21.90
CA ALA B 175 5.97 13.18 -21.31
C ALA B 175 5.83 12.78 -19.83
N THR B 176 6.98 12.49 -19.19
CA THR B 176 7.12 12.17 -17.77
C THR B 176 8.46 12.75 -17.28
N VAL B 177 8.94 12.33 -16.11
CA VAL B 177 10.20 12.84 -15.57
C VAL B 177 11.30 11.84 -15.92
N LYS B 178 12.48 12.37 -16.32
CA LYS B 178 13.67 11.60 -16.64
C LYS B 178 14.13 10.89 -15.37
N GLN B 179 14.73 9.70 -15.52
CA GLN B 179 15.31 8.90 -14.43
C GLN B 179 14.36 8.68 -13.20
N SER B 180 13.06 8.44 -13.51
CA SER B 180 12.00 8.21 -12.54
C SER B 180 11.44 6.78 -12.69
N SER B 181 10.55 6.38 -11.80
CA SER B 181 9.91 5.07 -11.86
C SER B 181 8.92 5.00 -13.02
N VAL B 182 8.35 6.14 -13.45
CA VAL B 182 7.39 6.18 -14.57
C VAL B 182 8.15 5.85 -15.87
N ASP B 183 9.39 6.31 -15.93
CA ASP B 183 10.30 6.05 -17.00
C ASP B 183 10.63 4.53 -17.01
N ILE B 184 10.89 3.94 -15.82
CA ILE B 184 11.18 2.51 -15.64
C ILE B 184 10.00 1.63 -16.08
N TYR B 185 8.77 2.06 -15.78
CA TYR B 185 7.53 1.34 -16.10
C TYR B 185 7.27 1.30 -17.62
N PHE B 186 7.40 2.46 -18.32
CA PHE B 186 7.19 2.54 -19.77
C PHE B 186 8.29 1.82 -20.58
N ARG B 187 9.51 1.70 -20.00
CA ARG B 187 10.66 1.03 -20.60
C ARG B 187 10.56 -0.48 -20.47
N ARG B 188 10.17 -0.99 -19.30
CA ARG B 188 10.08 -2.43 -19.00
C ARG B 188 8.97 -3.15 -19.78
N GLN B 189 7.88 -2.45 -20.05
CA GLN B 189 6.70 -3.00 -20.71
C GLN B 189 6.69 -2.74 -22.22
N VAL B 190 6.73 -3.84 -22.99
CA VAL B 190 6.74 -3.87 -24.46
C VAL B 190 5.42 -3.33 -25.01
N GLU B 191 4.31 -3.62 -24.31
CA GLU B 191 2.96 -3.17 -24.66
C GLU B 191 2.86 -1.64 -24.67
N LEU B 192 3.82 -0.95 -24.02
CA LEU B 192 3.88 0.51 -23.94
C LEU B 192 5.12 1.08 -24.64
N SER B 193 5.87 0.23 -25.40
CA SER B 193 7.09 0.65 -26.12
C SER B 193 6.88 1.83 -27.08
N THR B 194 5.75 1.84 -27.81
CA THR B 194 5.37 2.92 -28.75
C THR B 194 5.30 4.27 -28.00
N MET B 195 4.65 4.27 -26.82
CA MET B 195 4.46 5.41 -25.93
C MET B 195 5.78 5.87 -25.32
N TYR B 196 6.64 4.90 -24.91
CA TYR B 196 7.97 5.17 -24.36
C TYR B 196 8.83 5.92 -25.39
N ARG B 197 8.75 5.50 -26.67
CA ARG B 197 9.51 6.08 -27.79
C ARG B 197 9.15 7.58 -28.03
N HIS B 198 7.89 7.97 -27.80
CA HIS B 198 7.46 9.37 -27.90
C HIS B 198 8.05 10.16 -26.71
N MET B 199 7.77 9.66 -25.48
CA MET B 199 8.16 10.21 -24.19
C MET B 199 9.64 10.51 -24.03
N GLU B 200 10.53 9.55 -24.38
CA GLU B 200 11.99 9.71 -24.28
C GLU B 200 12.50 11.04 -24.84
N LYS B 201 11.87 11.53 -25.92
CA LYS B 201 12.22 12.79 -26.59
C LYS B 201 11.81 14.04 -25.80
N HIS B 202 10.73 13.94 -24.97
CA HIS B 202 10.17 15.09 -24.26
C HIS B 202 10.26 15.10 -22.72
N ASN B 203 10.81 14.04 -22.09
CA ASN B 203 10.90 13.95 -20.63
C ASN B 203 11.71 15.09 -19.97
N TYR B 204 11.13 15.68 -18.89
CA TYR B 204 11.71 16.78 -18.13
C TYR B 204 12.66 16.29 -17.06
N GLU B 205 13.51 17.19 -16.57
CA GLU B 205 14.48 16.90 -15.52
C GLU B 205 13.79 16.82 -14.15
N SER B 206 12.61 17.46 -14.00
CA SER B 206 11.85 17.48 -12.74
C SER B 206 10.34 17.59 -13.02
N ALA B 207 9.51 17.16 -12.05
CA ALA B 207 8.05 17.22 -12.15
C ALA B 207 7.57 18.67 -12.11
N ALA B 208 8.19 19.53 -11.28
CA ALA B 208 7.86 20.97 -11.20
C ALA B 208 7.96 21.58 -12.61
N GLU B 209 9.12 21.36 -13.30
CA GLU B 209 9.39 21.84 -14.65
C GLU B 209 8.33 21.35 -15.62
N ALA B 210 7.97 20.06 -15.50
CA ALA B 210 6.94 19.44 -16.33
C ALA B 210 5.56 20.06 -16.08
N ILE B 211 5.18 20.26 -14.80
CA ILE B 211 3.90 20.85 -14.37
C ILE B 211 3.76 22.27 -14.96
N GLN B 212 4.85 23.07 -14.89
CA GLN B 212 4.92 24.45 -15.43
C GLN B 212 4.82 24.44 -16.97
N ALA B 213 5.40 23.43 -17.62
CA ALA B 213 5.33 23.27 -19.07
C ALA B 213 3.90 22.95 -19.55
N VAL B 214 3.02 22.43 -18.67
CA VAL B 214 1.62 22.13 -18.99
C VAL B 214 0.86 23.45 -18.82
N ARG B 215 1.35 24.32 -17.92
CA ARG B 215 0.80 25.65 -17.67
C ARG B 215 1.14 26.61 -18.85
N ASP B 216 2.34 26.45 -19.44
CA ASP B 216 2.87 27.26 -20.53
C ASP B 216 2.68 26.65 -21.94
N ASN B 217 1.66 25.77 -22.09
CA ASN B 217 1.26 25.07 -23.32
C ASN B 217 2.37 24.25 -24.03
N LYS B 218 3.59 24.18 -23.45
CA LYS B 218 4.72 23.40 -23.98
C LYS B 218 4.43 21.89 -23.97
N LEU B 219 3.92 21.37 -22.83
CA LEU B 219 3.52 19.98 -22.66
C LEU B 219 1.99 19.89 -22.62
N HIS B 220 1.43 18.88 -23.30
CA HIS B 220 -0.02 18.72 -23.41
C HIS B 220 -0.61 17.62 -22.48
N ALA B 221 0.26 16.76 -21.91
CA ALA B 221 -0.12 15.67 -20.97
C ALA B 221 1.11 15.23 -20.17
N PHE B 222 0.95 15.13 -18.83
CA PHE B 222 2.02 14.73 -17.91
C PHE B 222 1.62 13.44 -17.15
N ILE B 223 2.33 12.32 -17.44
CA ILE B 223 2.08 11.02 -16.81
C ILE B 223 2.94 10.98 -15.56
N TRP B 224 2.28 11.04 -14.39
CA TRP B 224 2.97 11.11 -13.11
C TRP B 224 2.13 10.51 -11.97
N ASP B 225 2.75 10.44 -10.80
CA ASP B 225 2.18 9.96 -9.56
C ASP B 225 0.95 10.79 -9.17
N SER B 226 -0.20 10.10 -9.01
CA SER B 226 -1.50 10.66 -8.61
C SER B 226 -1.46 11.42 -7.30
N ALA B 227 -0.70 10.94 -6.28
CA ALA B 227 -0.57 11.66 -5.01
C ALA B 227 -0.09 13.11 -5.26
N VAL B 228 0.84 13.30 -6.24
CA VAL B 228 1.38 14.60 -6.65
C VAL B 228 0.44 15.31 -7.66
N LEU B 229 -0.07 14.61 -8.70
CA LEU B 229 -0.95 15.23 -9.70
C LEU B 229 -2.29 15.70 -9.14
N GLU B 230 -2.94 14.85 -8.32
CA GLU B 230 -4.19 15.15 -7.65
C GLU B 230 -4.04 16.36 -6.73
N PHE B 231 -2.93 16.44 -6.00
CA PHE B 231 -2.64 17.59 -5.13
C PHE B 231 -2.47 18.86 -5.97
N GLU B 232 -1.76 18.74 -7.11
CA GLU B 232 -1.50 19.85 -8.01
C GLU B 232 -2.79 20.40 -8.61
N ALA B 233 -3.70 19.51 -9.06
CA ALA B 233 -4.98 19.87 -9.66
C ALA B 233 -5.91 20.58 -8.67
N SER B 234 -5.80 20.24 -7.37
CA SER B 234 -6.62 20.84 -6.31
C SER B 234 -6.19 22.27 -6.00
N GLN B 235 -4.95 22.65 -6.36
CA GLN B 235 -4.40 23.99 -6.14
C GLN B 235 -4.55 24.82 -7.42
N LYS B 236 -3.87 24.38 -8.50
CA LYS B 236 -3.86 25.02 -9.83
C LYS B 236 -5.06 24.54 -10.65
N CYS B 237 -6.17 25.30 -10.57
CA CYS B 237 -7.46 25.00 -11.23
C CYS B 237 -7.42 25.07 -12.78
N ASP B 238 -6.30 25.57 -13.35
CA ASP B 238 -6.07 25.65 -14.80
C ASP B 238 -5.62 24.28 -15.36
N LEU B 239 -5.22 23.37 -14.44
CA LEU B 239 -4.78 21.99 -14.68
C LEU B 239 -5.75 21.03 -13.98
N VAL B 240 -6.01 19.87 -14.61
CA VAL B 240 -6.93 18.82 -14.14
C VAL B 240 -6.27 17.44 -14.42
N THR B 241 -6.65 16.39 -13.66
CA THR B 241 -6.15 15.03 -13.91
C THR B 241 -7.21 14.26 -14.71
N THR B 242 -6.77 13.42 -15.67
CA THR B 242 -7.70 12.65 -16.52
C THR B 242 -7.45 11.14 -16.46
N GLY B 243 -8.53 10.37 -16.56
CA GLY B 243 -8.51 8.92 -16.51
C GLY B 243 -8.43 8.37 -15.09
N GLU B 244 -8.43 7.04 -14.96
CA GLU B 244 -8.35 6.41 -13.64
C GLU B 244 -6.86 6.23 -13.21
N LEU B 245 -6.55 5.13 -12.52
CA LEU B 245 -5.17 4.89 -12.12
C LEU B 245 -4.70 3.58 -12.70
N PHE B 246 -3.47 3.61 -13.24
CA PHE B 246 -2.75 2.46 -13.78
C PHE B 246 -1.46 2.37 -12.96
N PHE B 247 -0.78 1.20 -13.00
CA PHE B 247 0.46 0.91 -12.25
C PHE B 247 0.33 1.37 -10.77
N ARG B 248 -0.74 0.91 -10.11
CA ARG B 248 -0.99 1.22 -8.71
C ARG B 248 0.20 0.69 -7.94
N SER B 249 0.94 1.63 -7.35
CA SER B 249 2.18 1.34 -6.65
C SER B 249 2.24 2.07 -5.31
N GLY B 250 3.19 1.67 -4.48
CA GLY B 250 3.42 2.33 -3.19
C GLY B 250 4.70 3.15 -3.10
N PHE B 251 4.69 4.09 -2.13
CA PHE B 251 5.82 4.92 -1.69
C PHE B 251 6.40 4.29 -0.42
N GLY B 252 7.71 4.07 -0.40
CA GLY B 252 8.39 3.49 0.76
C GLY B 252 9.72 4.15 1.06
N ILE B 253 10.24 3.96 2.29
CA ILE B 253 11.56 4.43 2.78
C ILE B 253 12.60 3.44 2.21
N GLY B 254 13.70 3.96 1.67
CA GLY B 254 14.80 3.17 1.10
C GLY B 254 16.06 3.11 1.95
N MET B 255 16.56 1.91 2.20
CA MET B 255 17.77 1.65 2.97
C MET B 255 18.60 0.60 2.23
N ARG B 256 19.89 0.46 2.58
CA ARG B 256 20.72 -0.61 2.02
C ARG B 256 20.27 -1.93 2.67
N LYS B 257 20.39 -3.04 1.93
CA LYS B 257 19.98 -4.38 2.37
C LYS B 257 20.56 -4.77 3.74
N ASP B 258 21.78 -4.31 4.04
CA ASP B 258 22.52 -4.55 5.29
C ASP B 258 22.07 -3.73 6.51
N SER B 259 21.35 -2.61 6.28
CA SER B 259 20.87 -1.66 7.31
C SER B 259 20.30 -2.30 8.59
N PRO B 260 20.67 -1.84 9.80
CA PRO B 260 20.13 -2.46 11.03
C PRO B 260 18.81 -1.80 11.49
N TRP B 261 18.31 -0.81 10.72
CA TRP B 261 17.10 -0.04 10.97
C TRP B 261 15.88 -0.54 10.17
N LYS B 262 16.11 -1.47 9.21
CA LYS B 262 15.09 -1.99 8.30
C LYS B 262 13.83 -2.53 9.00
N GLN B 263 13.97 -3.41 10.02
CA GLN B 263 12.83 -3.99 10.74
C GLN B 263 12.07 -2.93 11.57
N ASN B 264 12.81 -2.03 12.25
CA ASN B 264 12.21 -0.97 13.06
C ASN B 264 11.56 0.14 12.25
N VAL B 265 12.08 0.43 11.04
CA VAL B 265 11.51 1.47 10.16
C VAL B 265 10.10 1.01 9.77
N SER B 266 9.98 -0.25 9.31
CA SER B 266 8.71 -0.85 8.91
C SER B 266 7.67 -0.90 10.05
N LEU B 267 8.10 -1.31 11.28
CA LEU B 267 7.18 -1.40 12.45
C LEU B 267 6.59 -0.06 12.84
N SER B 268 7.39 1.02 12.71
CA SER B 268 7.01 2.41 12.97
C SER B 268 5.97 2.85 11.94
N ILE B 269 6.19 2.51 10.64
CA ILE B 269 5.25 2.83 9.55
C ILE B 269 3.90 2.12 9.81
N LEU B 270 3.96 0.81 10.18
CA LEU B 270 2.75 0.04 10.50
C LEU B 270 2.00 0.66 11.68
N LYS B 271 2.74 1.07 12.75
CA LYS B 271 2.22 1.75 13.93
C LYS B 271 1.46 3.00 13.53
N SER B 272 2.09 3.87 12.72
CA SER B 272 1.52 5.14 12.23
C SER B 272 0.26 4.97 11.35
N HIS B 273 0.14 3.82 10.65
CA HIS B 273 -1.03 3.51 9.84
C HIS B 273 -2.18 3.12 10.80
N GLU B 274 -1.85 2.28 11.81
CA GLU B 274 -2.83 1.77 12.77
C GLU B 274 -3.39 2.80 13.73
N ASN B 275 -2.56 3.77 14.19
CA ASN B 275 -2.95 4.79 15.16
C ASN B 275 -3.44 6.10 14.56
N GLY B 276 -3.58 6.15 13.24
CA GLY B 276 -4.07 7.34 12.58
C GLY B 276 -3.05 8.42 12.23
N PHE B 277 -1.78 8.31 12.71
CA PHE B 277 -0.75 9.32 12.41
C PHE B 277 -0.58 9.57 10.91
N MET B 278 -0.54 8.50 10.11
CA MET B 278 -0.41 8.57 8.66
C MET B 278 -1.60 9.28 8.01
N GLU B 279 -2.81 9.07 8.55
CA GLU B 279 -4.06 9.70 8.10
C GLU B 279 -3.98 11.21 8.47
N ASP B 280 -3.33 11.55 9.60
CA ASP B 280 -3.12 12.94 10.00
C ASP B 280 -2.27 13.67 8.98
N LEU B 281 -1.07 13.10 8.61
CA LEU B 281 -0.19 13.66 7.57
C LEU B 281 -0.93 13.87 6.23
N ASP B 282 -1.76 12.91 5.87
CA ASP B 282 -2.59 12.97 4.69
C ASP B 282 -3.58 14.14 4.74
N LYS B 283 -4.10 14.44 5.94
CA LYS B 283 -5.02 15.56 6.11
C LYS B 283 -4.26 16.90 6.14
N THR B 284 -3.14 16.96 6.86
CA THR B 284 -2.27 18.13 6.99
C THR B 284 -1.70 18.59 5.64
N TRP B 285 -1.18 17.64 4.84
CA TRP B 285 -0.44 17.93 3.62
C TRP B 285 -1.10 17.62 2.30
N VAL B 286 -2.02 16.67 2.23
CA VAL B 286 -2.57 16.32 0.93
C VAL B 286 -4.00 16.90 0.73
N ARG B 287 -5.04 16.24 1.27
CA ARG B 287 -6.45 16.66 1.14
C ARG B 287 -6.79 17.91 1.94
N CYS B 291 -11.47 22.57 -6.78
CA CYS B 291 -11.66 23.60 -7.79
C CYS B 291 -13.03 23.49 -8.45
#